data_4HUN
#
_entry.id   4HUN
#
_cell.length_a   117.234
_cell.length_b   117.234
_cell.length_c   226.218
_cell.angle_alpha   90.00
_cell.angle_beta   90.00
_cell.angle_gamma   120.00
#
_symmetry.space_group_name_H-M   'P 32 2 1'
#
loop_
_entity.id
_entity.type
_entity.pdbx_description
1 polymer 'Multidrug efflux protein'
2 polymer 'protein B'
3 non-polymer 'RHODAMINE 6G'
#
loop_
_entity_poly.entity_id
_entity_poly.type
_entity_poly.pdbx_seq_one_letter_code
_entity_poly.pdbx_strand_id
1 'polypeptide(L)'
;LDRFSFSVFLKEIRLLTALALPMLLAQVAQVGIGFVDTVMAGGAGKEDLAAVALGSSAFATVYITFMGIMAALNPMIAQL
YGAGKTGEAGETGRQGIWFGLILGIFGMILMWAAITPFRNWLTLSDYVEGTMAQYMLFTSLAMPAAMVHRALHAYASSLN
RPRLIMLVSFAAFVLNVPLNYIFVYGKFGMPALGGAGCGVATMAVFWFSALALWIYIAKEKFFRPFGLTAKFGKPDWAVF
KQIWKIGAPIGLSYFLEASAFSFIVFLIAPFGEDYVAAQQVGISLSGILYMIPQSVGSAGTVRIGFSLGRREFSRARYIS
GVSLVSGWVLAVITVLSLVLFRSPLASMYNDDPAVLSIASTVLLFAGLFQPADFTQCIASYALRGYKVTKVPMFIHAAAF
WGCGLLPGYLLAYRFDMGIYGFWTALIASLTIAAVALVWCLEKYSMELVKSHKAVSSGL
;
A
2 'polypeptide(L)'
;ENLYFQGSVSSVPTKLEVVAATPTSLLISWDARGEYVVYYRITYGETGGNSPVQEFTVPGSSSTATISGLSPGVDYTITV
YARSYYWGWYSPISINYRT
;
B
#
# COMPACT_ATOMS: atom_id res chain seq x y z
N LEU A 1 20.09 0.31 25.03
CA LEU A 1 21.09 1.39 25.27
C LEU A 1 22.06 1.57 24.08
N ASP A 2 21.83 0.81 23.00
CA ASP A 2 22.61 0.95 21.74
C ASP A 2 21.84 0.48 20.49
N ARG A 3 21.65 -0.84 20.36
CA ARG A 3 20.87 -1.41 19.24
C ARG A 3 19.64 -2.22 19.69
N PHE A 4 18.50 -1.51 19.72
CA PHE A 4 17.18 -2.13 19.87
C PHE A 4 16.48 -2.14 18.49
N SER A 5 17.24 -1.84 17.42
CA SER A 5 16.84 -2.04 16.01
C SER A 5 17.66 -3.22 15.40
N PHE A 6 17.95 -4.19 16.30
CA PHE A 6 18.80 -5.40 16.08
C PHE A 6 20.00 -5.42 15.12
N SER A 7 20.19 -6.60 14.51
CA SER A 7 21.26 -6.88 13.54
C SER A 7 20.89 -6.22 12.20
N VAL A 8 21.48 -5.04 11.98
CA VAL A 8 21.07 -4.12 10.89
C VAL A 8 21.07 -4.71 9.47
N PHE A 9 22.26 -4.80 8.87
CA PHE A 9 22.42 -5.01 7.43
C PHE A 9 21.80 -6.30 6.90
N LEU A 10 21.93 -7.39 7.67
CA LEU A 10 21.43 -8.71 7.27
C LEU A 10 20.08 -8.56 6.56
N LYS A 11 20.22 -8.60 5.25
CA LYS A 11 19.15 -8.56 4.28
C LYS A 11 19.97 -8.78 2.99
N GLU A 12 20.96 -9.66 3.13
CA GLU A 12 22.00 -9.89 2.11
C GLU A 12 22.69 -11.26 2.19
N ILE A 13 22.72 -11.95 1.04
CA ILE A 13 23.45 -13.22 0.80
C ILE A 13 23.97 -13.18 -0.65
N ARG A 14 23.15 -13.62 -1.59
CA ARG A 14 23.31 -13.29 -3.02
C ARG A 14 21.92 -13.09 -3.70
N LEU A 15 21.28 -11.98 -3.29
CA LEU A 15 19.95 -11.56 -3.76
C LEU A 15 20.07 -10.41 -4.79
N LEU A 16 21.25 -10.24 -5.37
CA LEU A 16 21.51 -9.24 -6.43
C LEU A 16 20.48 -9.35 -7.53
N THR A 17 19.68 -10.42 -7.46
CA THR A 17 18.70 -10.73 -8.48
C THR A 17 17.25 -10.65 -8.01
N ALA A 18 16.98 -9.79 -7.01
CA ALA A 18 15.61 -9.45 -6.62
C ALA A 18 14.93 -8.67 -7.75
N LEU A 19 14.02 -9.35 -8.44
CA LEU A 19 13.38 -8.83 -9.65
C LEU A 19 11.90 -8.49 -9.41
N ALA A 20 11.68 -7.72 -8.34
CA ALA A 20 10.47 -6.92 -8.14
C ALA A 20 10.61 -5.71 -9.07
N LEU A 21 10.59 -6.00 -10.38
CA LEU A 21 10.70 -4.99 -11.45
C LEU A 21 9.40 -4.81 -12.26
N PRO A 22 8.56 -5.85 -12.36
CA PRO A 22 7.17 -5.54 -12.72
C PRO A 22 6.44 -4.66 -11.66
N MET A 23 6.89 -4.70 -10.41
CA MET A 23 6.41 -3.81 -9.34
C MET A 23 6.91 -2.36 -9.51
N LEU A 24 7.26 -2.03 -10.76
CA LEU A 24 7.56 -0.66 -11.24
C LEU A 24 6.43 -0.26 -12.16
N LEU A 25 5.98 -1.23 -12.93
CA LEU A 25 4.93 -1.00 -13.89
C LEU A 25 3.56 -1.08 -13.18
N ALA A 26 3.61 -1.29 -11.86
CA ALA A 26 2.46 -1.11 -10.94
C ALA A 26 2.30 0.38 -10.58
N GLN A 27 3.42 1.11 -10.56
CA GLN A 27 3.45 2.56 -10.32
C GLN A 27 3.97 3.38 -11.54
N VAL A 28 3.90 2.80 -12.73
CA VAL A 28 4.12 3.53 -13.97
C VAL A 28 2.81 3.51 -14.79
N ALA A 29 1.87 2.72 -14.29
CA ALA A 29 0.44 2.80 -14.64
C ALA A 29 -0.19 3.73 -13.64
N GLN A 30 0.66 4.33 -12.81
CA GLN A 30 0.25 5.28 -11.79
C GLN A 30 0.87 6.68 -12.03
N VAL A 31 1.77 6.75 -13.00
CA VAL A 31 2.06 8.01 -13.66
C VAL A 31 0.93 8.19 -14.68
N GLY A 32 0.64 7.13 -15.42
CA GLY A 32 -0.55 7.01 -16.28
C GLY A 32 -1.83 7.70 -15.80
N ILE A 33 -2.13 7.63 -14.50
CA ILE A 33 -3.26 8.39 -13.87
C ILE A 33 -2.79 9.73 -13.26
N GLY A 34 -1.59 9.73 -12.67
CA GLY A 34 -1.02 10.91 -12.07
C GLY A 34 -1.11 12.06 -13.04
N PHE A 35 -1.15 11.73 -14.34
CA PHE A 35 -0.95 12.71 -15.43
C PHE A 35 -2.14 13.06 -16.34
N VAL A 36 -3.32 12.57 -16.01
CA VAL A 36 -4.51 13.14 -16.61
C VAL A 36 -4.57 14.52 -15.98
N ASP A 37 -4.79 14.54 -14.67
CA ASP A 37 -4.60 15.71 -13.82
C ASP A 37 -4.11 16.98 -14.52
N THR A 38 -2.85 17.00 -14.96
CA THR A 38 -2.23 18.17 -15.63
C THR A 38 -2.99 18.51 -16.93
N VAL A 39 -3.45 17.48 -17.65
CA VAL A 39 -4.18 17.67 -18.89
C VAL A 39 -5.60 18.24 -18.66
N MET A 40 -5.98 18.33 -17.38
CA MET A 40 -7.17 19.10 -17.02
C MET A 40 -6.89 20.20 -15.98
N ALA A 41 -5.62 20.31 -15.56
CA ALA A 41 -5.14 21.52 -14.87
C ALA A 41 -4.93 22.57 -15.98
N GLY A 42 -4.19 22.17 -17.01
CA GLY A 42 -4.11 22.93 -18.25
C GLY A 42 -5.06 22.42 -19.33
N GLY A 43 -6.21 21.89 -18.92
CA GLY A 43 -7.29 21.55 -19.85
C GLY A 43 -8.42 22.50 -19.52
N ALA A 44 -8.67 22.67 -18.22
CA ALA A 44 -9.49 23.75 -17.65
C ALA A 44 -8.61 24.97 -17.44
N GLY A 45 -7.92 25.32 -18.51
CA GLY A 45 -7.26 26.61 -18.67
C GLY A 45 -8.10 27.39 -19.67
N LYS A 46 -8.65 26.66 -20.62
CA LYS A 46 -9.68 27.19 -21.51
C LYS A 46 -10.60 28.11 -20.68
N GLU A 47 -11.13 27.63 -19.55
CA GLU A 47 -11.83 28.50 -18.57
C GLU A 47 -10.80 29.11 -17.62
N ASP A 48 -10.91 30.43 -17.44
CA ASP A 48 -9.93 31.22 -16.70
C ASP A 48 -10.00 30.99 -15.17
N LEU A 49 -11.11 31.39 -14.54
CA LEU A 49 -11.42 31.08 -13.12
C LEU A 49 -11.70 29.57 -12.87
N ALA A 50 -11.47 28.76 -13.92
CA ALA A 50 -11.30 27.32 -13.79
C ALA A 50 -9.88 26.99 -13.31
N ALA A 51 -9.53 27.64 -12.20
CA ALA A 51 -8.83 26.96 -11.15
C ALA A 51 -10.01 26.12 -10.66
N VAL A 52 -9.83 24.82 -10.79
CA VAL A 52 -10.86 23.86 -10.52
C VAL A 52 -10.33 22.95 -9.43
N ALA A 53 -9.00 22.74 -9.45
CA ALA A 53 -8.27 21.95 -8.45
C ALA A 53 -8.79 22.24 -7.04
N LEU A 54 -9.43 23.40 -6.95
CA LEU A 54 -10.13 23.94 -5.78
C LEU A 54 -11.20 23.01 -5.14
N GLY A 55 -11.59 21.99 -5.90
CA GLY A 55 -12.39 20.89 -5.39
C GLY A 55 -11.64 19.61 -5.68
N SER A 56 -11.10 19.55 -6.90
CA SER A 56 -10.41 18.36 -7.40
C SER A 56 -9.22 17.91 -6.55
N SER A 57 -8.69 18.78 -5.69
CA SER A 57 -7.72 18.27 -4.72
C SER A 57 -8.24 18.35 -3.29
N ALA A 58 -9.48 18.81 -3.14
CA ALA A 58 -10.16 18.67 -1.88
C ALA A 58 -11.22 17.57 -1.99
N PHE A 59 -11.39 17.02 -3.20
CA PHE A 59 -12.03 15.69 -3.40
C PHE A 59 -11.03 14.59 -3.01
N ALA A 60 -9.90 14.53 -3.73
CA ALA A 60 -8.97 13.42 -3.62
C ALA A 60 -8.34 13.43 -2.24
N THR A 61 -9.21 13.75 -1.31
CA THR A 61 -8.91 13.72 0.09
C THR A 61 -9.47 12.36 0.49
N VAL A 62 -10.80 12.24 0.29
CA VAL A 62 -11.59 11.02 0.50
C VAL A 62 -11.47 10.12 -0.73
N TYR A 63 -10.46 10.36 -1.56
CA TYR A 63 -10.01 9.34 -2.45
C TYR A 63 -8.81 8.76 -1.77
N ILE A 64 -7.67 9.40 -1.90
CA ILE A 64 -6.45 8.82 -1.37
C ILE A 64 -6.59 8.33 0.08
N THR A 65 -7.33 9.06 0.92
CA THR A 65 -7.62 8.50 2.26
C THR A 65 -8.32 7.12 2.23
N PHE A 66 -9.57 7.05 1.73
CA PHE A 66 -10.32 5.78 1.59
C PHE A 66 -9.59 4.69 0.77
N MET A 67 -8.96 5.16 -0.33
CA MET A 67 -7.98 4.46 -1.12
C MET A 67 -6.92 3.76 -0.25
N GLY A 68 -6.59 4.36 0.88
CA GLY A 68 -5.61 3.74 1.77
C GLY A 68 -6.15 2.37 2.12
N ILE A 69 -7.26 2.37 2.85
CA ILE A 69 -7.99 1.14 3.20
C ILE A 69 -7.80 0.13 2.08
N MET A 70 -8.45 0.43 0.96
CA MET A 70 -8.57 -0.43 -0.23
C MET A 70 -7.27 -1.08 -0.71
N ALA A 71 -6.27 -0.29 -1.11
CA ALA A 71 -5.00 -0.86 -1.53
C ALA A 71 -4.32 -1.55 -0.31
N ALA A 72 -5.06 -1.66 0.82
CA ALA A 72 -4.65 -2.39 2.05
C ALA A 72 -4.99 -3.91 2.03
N LEU A 73 -5.50 -4.35 0.90
CA LEU A 73 -5.70 -5.74 0.61
C LEU A 73 -4.52 -6.26 -0.16
N ASN A 74 -3.64 -5.35 -0.56
CA ASN A 74 -2.44 -5.70 -1.30
C ASN A 74 -1.72 -6.93 -0.70
N PRO A 75 -1.72 -7.07 0.64
CA PRO A 75 -1.20 -8.33 1.14
C PRO A 75 -2.31 -9.39 1.10
N MET A 76 -3.37 -9.15 1.89
CA MET A 76 -4.59 -9.94 1.88
C MET A 76 -4.59 -10.93 0.73
N ILE A 77 -4.54 -10.39 -0.50
CA ILE A 77 -4.73 -11.15 -1.76
C ILE A 77 -3.45 -11.72 -2.42
N ALA A 78 -2.30 -11.09 -2.18
CA ALA A 78 -1.05 -11.64 -2.69
C ALA A 78 -0.60 -12.80 -1.81
N GLN A 79 -0.87 -12.66 -0.51
CA GLN A 79 -0.45 -13.63 0.52
C GLN A 79 -1.23 -14.94 0.42
N LEU A 80 -2.41 -14.86 -0.20
CA LEU A 80 -3.23 -16.04 -0.50
C LEU A 80 -3.03 -16.42 -1.98
N TYR A 81 -1.87 -16.01 -2.49
CA TYR A 81 -1.26 -16.51 -3.71
C TYR A 81 -0.14 -17.44 -3.23
N GLY A 82 -0.15 -17.67 -1.93
CA GLY A 82 0.47 -18.84 -1.33
C GLY A 82 -0.59 -19.75 -0.72
N ALA A 83 -1.89 -19.48 -0.94
CA ALA A 83 -2.97 -20.48 -0.76
C ALA A 83 -3.30 -21.06 -2.14
N GLY A 84 -4.59 -21.16 -2.54
CA GLY A 84 -4.94 -21.73 -3.87
C GLY A 84 -6.06 -21.11 -4.72
N LYS A 85 -7.15 -20.79 -4.03
CA LYS A 85 -8.37 -20.27 -4.65
C LYS A 85 -8.31 -18.75 -4.78
N THR A 86 -7.91 -18.30 -5.98
CA THR A 86 -7.91 -16.86 -6.32
C THR A 86 -9.31 -16.26 -6.11
N GLY A 87 -10.29 -17.15 -5.94
CA GLY A 87 -11.72 -16.82 -5.75
C GLY A 87 -12.32 -17.12 -4.39
N GLU A 88 -11.47 -17.58 -3.46
CA GLU A 88 -11.70 -17.41 -2.03
C GLU A 88 -10.78 -16.24 -1.66
N ALA A 89 -9.52 -16.32 -2.10
CA ALA A 89 -8.70 -15.13 -2.17
C ALA A 89 -9.46 -14.06 -2.96
N GLY A 90 -10.35 -14.53 -3.80
CA GLY A 90 -11.13 -13.68 -4.67
C GLY A 90 -12.48 -13.36 -4.11
N GLU A 91 -12.99 -14.21 -3.21
CA GLU A 91 -14.24 -13.89 -2.49
C GLU A 91 -13.93 -12.88 -1.36
N THR A 92 -12.67 -12.50 -1.31
CA THR A 92 -12.25 -11.30 -0.64
C THR A 92 -12.28 -10.20 -1.70
N GLY A 93 -11.44 -10.36 -2.73
CA GLY A 93 -11.46 -9.53 -3.94
C GLY A 93 -12.87 -9.11 -4.29
N ARG A 94 -13.80 -10.05 -4.29
CA ARG A 94 -15.20 -9.66 -4.28
C ARG A 94 -15.63 -8.96 -2.96
N GLN A 95 -15.53 -9.64 -1.80
CA GLN A 95 -16.10 -9.12 -0.54
C GLN A 95 -15.70 -7.65 -0.32
N GLY A 96 -14.49 -7.32 -0.77
CA GLY A 96 -14.01 -5.95 -0.77
C GLY A 96 -14.54 -5.09 -1.90
N ILE A 97 -14.64 -5.64 -3.11
CA ILE A 97 -15.16 -4.87 -4.24
C ILE A 97 -16.55 -4.42 -3.85
N TRP A 98 -17.08 -5.08 -2.83
CA TRP A 98 -18.31 -4.67 -2.20
C TRP A 98 -18.05 -3.48 -1.31
N PHE A 99 -16.97 -3.60 -0.55
CA PHE A 99 -16.37 -2.50 0.16
C PHE A 99 -16.07 -1.30 -0.80
N GLY A 100 -15.19 -1.53 -1.78
CA GLY A 100 -14.84 -0.55 -2.82
C GLY A 100 -16.02 -0.17 -3.67
N LEU A 101 -17.01 0.44 -3.01
CA LEU A 101 -18.33 0.56 -3.61
C LEU A 101 -19.28 0.84 -2.48
N ILE A 102 -18.89 0.29 -1.35
CA ILE A 102 -19.64 0.43 -0.14
C ILE A 102 -18.99 1.56 0.66
N LEU A 103 -17.66 1.52 0.81
CA LEU A 103 -16.97 2.72 1.27
C LEU A 103 -16.84 3.63 0.07
N GLY A 104 -16.82 3.04 -1.12
CA GLY A 104 -17.06 3.80 -2.34
C GLY A 104 -18.31 4.70 -2.32
N ILE A 105 -19.35 4.29 -1.62
CA ILE A 105 -20.51 5.18 -1.56
C ILE A 105 -20.46 6.06 -0.31
N PHE A 106 -19.33 6.08 0.37
CA PHE A 106 -19.11 7.15 1.31
C PHE A 106 -18.31 8.29 0.74
N GLY A 107 -17.28 7.99 -0.06
CA GLY A 107 -16.64 9.02 -0.89
C GLY A 107 -17.82 9.74 -1.53
N MET A 108 -18.43 9.04 -2.46
CA MET A 108 -19.73 9.35 -3.04
C MET A 108 -20.88 9.85 -2.15
N ILE A 109 -20.67 10.03 -0.83
CA ILE A 109 -21.74 10.47 0.11
C ILE A 109 -21.27 11.53 1.13
N LEU A 110 -20.07 11.29 1.65
CA LEU A 110 -19.39 12.26 2.46
C LEU A 110 -18.93 13.32 1.45
N MET A 111 -19.02 12.99 0.18
CA MET A 111 -18.74 13.99 -0.78
C MET A 111 -19.97 14.83 -0.91
N TRP A 112 -21.13 14.24 -0.80
CA TRP A 112 -22.36 15.05 -0.84
C TRP A 112 -22.25 16.14 0.22
N ALA A 113 -22.15 15.71 1.49
CA ALA A 113 -22.03 16.63 2.63
C ALA A 113 -20.95 17.67 2.36
N ALA A 114 -19.84 17.17 1.78
CA ALA A 114 -18.59 17.90 1.56
C ALA A 114 -18.86 19.30 1.12
N ILE A 115 -19.58 19.39 0.00
CA ILE A 115 -19.98 20.64 -0.60
C ILE A 115 -20.64 21.67 0.38
N THR A 116 -19.77 22.25 1.20
CA THR A 116 -20.03 23.47 1.94
C THR A 116 -18.68 24.10 2.28
N PRO A 117 -17.73 24.16 1.29
CA PRO A 117 -16.83 25.32 1.30
C PRO A 117 -17.49 26.75 1.28
N PHE A 118 -18.80 26.85 1.59
CA PHE A 118 -19.42 28.13 2.00
C PHE A 118 -19.02 28.43 3.45
N ARG A 119 -17.71 28.55 3.66
CA ARG A 119 -17.08 28.72 4.98
C ARG A 119 -15.78 29.55 4.83
N ASN A 120 -15.44 30.29 5.90
CA ASN A 120 -14.32 31.28 5.95
C ASN A 120 -13.66 31.64 7.34
N TRP A 121 -12.32 31.65 7.38
CA TRP A 121 -11.56 32.16 8.54
C TRP A 121 -10.15 32.65 8.23
N LEU A 122 -9.54 32.19 7.14
CA LEU A 122 -8.17 32.67 6.75
C LEU A 122 -7.79 32.64 5.24
N THR A 123 -6.98 33.65 4.86
CA THR A 123 -6.39 33.95 3.51
C THR A 123 -7.03 33.58 2.15
N LEU A 124 -6.86 34.52 1.19
CA LEU A 124 -7.37 34.47 -0.21
C LEU A 124 -6.89 33.27 -1.06
N SER A 125 -7.76 32.79 -1.95
CA SER A 125 -7.62 31.53 -2.74
C SER A 125 -7.50 30.24 -1.90
N ASP A 126 -7.74 30.37 -0.59
CA ASP A 126 -7.94 29.25 0.34
C ASP A 126 -9.08 29.59 1.36
N TYR A 127 -10.10 30.33 0.88
CA TYR A 127 -11.41 30.58 1.53
C TYR A 127 -12.39 31.34 0.62
N VAL A 128 -11.82 32.20 -0.24
CA VAL A 128 -12.44 33.42 -0.81
C VAL A 128 -13.83 33.30 -1.45
N GLU A 129 -13.94 32.48 -2.50
CA GLU A 129 -15.22 32.14 -3.14
C GLU A 129 -15.98 33.30 -3.79
N GLY A 130 -15.79 33.51 -5.09
CA GLY A 130 -16.63 34.44 -5.83
C GLY A 130 -17.66 33.65 -6.61
N THR A 131 -17.23 33.16 -7.76
CA THR A 131 -18.00 32.21 -8.52
C THR A 131 -17.50 30.78 -8.22
N MET A 132 -18.43 29.95 -7.78
CA MET A 132 -18.11 28.54 -7.62
C MET A 132 -19.00 27.62 -8.50
N ALA A 133 -18.54 27.35 -9.72
CA ALA A 133 -19.00 26.20 -10.50
C ALA A 133 -18.06 25.07 -10.08
N GLN A 134 -17.57 25.14 -8.85
CA GLN A 134 -16.83 24.06 -8.17
C GLN A 134 -17.87 23.21 -7.45
N TYR A 135 -18.92 23.90 -7.00
CA TYR A 135 -20.30 23.38 -7.01
C TYR A 135 -20.32 21.95 -7.61
N MET A 136 -19.86 21.81 -8.86
CA MET A 136 -20.11 20.65 -9.71
C MET A 136 -18.93 19.72 -9.99
N LEU A 137 -17.70 20.13 -9.71
CA LEU A 137 -16.61 19.14 -9.71
C LEU A 137 -16.74 18.45 -8.36
N PHE A 138 -17.31 19.20 -7.42
CA PHE A 138 -17.74 18.65 -6.14
C PHE A 138 -18.79 17.55 -6.26
N THR A 139 -19.55 17.50 -7.34
CA THR A 139 -20.45 16.39 -7.43
C THR A 139 -20.26 15.61 -8.69
N SER A 140 -20.48 16.28 -9.84
CA SER A 140 -20.26 15.69 -11.16
C SER A 140 -18.97 14.79 -11.08
N LEU A 141 -18.02 15.16 -10.19
CA LEU A 141 -16.77 14.42 -9.95
C LEU A 141 -16.59 14.07 -8.46
N ALA A 142 -17.71 13.97 -7.75
CA ALA A 142 -17.69 13.38 -6.41
C ALA A 142 -18.86 12.43 -6.27
N MET A 143 -19.65 12.43 -7.31
CA MET A 143 -20.55 11.32 -7.59
C MET A 143 -19.80 10.05 -8.12
N PRO A 144 -18.54 10.18 -8.59
CA PRO A 144 -17.76 8.97 -8.94
C PRO A 144 -17.19 8.01 -7.82
N ALA A 145 -16.69 8.52 -6.68
CA ALA A 145 -15.91 7.69 -5.69
C ALA A 145 -16.62 6.37 -5.26
N ALA A 146 -17.80 6.07 -5.82
CA ALA A 146 -18.41 4.74 -5.71
C ALA A 146 -17.61 3.77 -6.63
N MET A 147 -17.80 3.88 -7.95
CA MET A 147 -17.12 3.05 -8.99
C MET A 147 -15.58 3.05 -9.01
N VAL A 148 -15.02 3.82 -8.11
CA VAL A 148 -13.71 4.37 -8.36
C VAL A 148 -12.79 3.83 -7.28
N HIS A 149 -13.46 3.10 -6.41
CA HIS A 149 -12.85 2.34 -5.38
C HIS A 149 -12.78 0.95 -5.86
N ARG A 150 -13.84 0.56 -6.59
CA ARG A 150 -13.89 -0.71 -7.26
C ARG A 150 -12.83 -0.69 -8.36
N ALA A 151 -12.60 0.50 -8.93
CA ALA A 151 -11.58 0.76 -9.96
C ALA A 151 -10.13 0.85 -9.43
N LEU A 152 -10.01 0.62 -8.11
CA LEU A 152 -8.75 0.40 -7.33
C LEU A 152 -8.74 -0.97 -6.66
N HIS A 153 -9.91 -1.44 -6.26
CA HIS A 153 -10.00 -2.80 -5.90
C HIS A 153 -9.54 -3.66 -7.05
N ALA A 154 -9.44 -3.11 -8.26
CA ALA A 154 -8.66 -3.71 -9.37
C ALA A 154 -7.20 -4.04 -9.06
N TYR A 155 -6.34 -3.01 -8.97
CA TYR A 155 -4.92 -3.21 -8.71
C TYR A 155 -4.68 -3.52 -7.23
N ALA A 156 -5.75 -3.46 -6.44
CA ALA A 156 -5.80 -4.16 -5.18
C ALA A 156 -6.11 -5.65 -5.44
N SER A 157 -6.12 -6.04 -6.72
CA SER A 157 -6.11 -7.43 -7.12
C SER A 157 -5.30 -7.60 -8.39
N SER A 158 -4.22 -6.86 -8.45
CA SER A 158 -3.10 -7.16 -9.33
C SER A 158 -1.97 -7.32 -8.37
N LEU A 159 -2.25 -8.07 -7.31
CA LEU A 159 -1.28 -8.46 -6.30
C LEU A 159 -1.02 -9.93 -6.50
N ASN A 160 -0.32 -10.20 -7.60
CA ASN A 160 -0.17 -11.53 -8.14
C ASN A 160 0.13 -11.44 -9.64
N ARG A 161 1.33 -10.99 -9.98
CA ARG A 161 1.83 -10.96 -11.38
C ARG A 161 1.14 -10.11 -12.49
N PRO A 162 0.07 -9.32 -12.19
CA PRO A 162 -0.18 -8.53 -13.39
C PRO A 162 -0.15 -7.01 -13.18
N ARG A 163 0.11 -6.32 -14.28
CA ARG A 163 -0.26 -4.92 -14.45
C ARG A 163 -0.85 -4.80 -15.87
N LEU A 164 -1.96 -5.50 -16.05
CA LEU A 164 -2.97 -5.22 -17.08
C LEU A 164 -3.60 -3.88 -16.76
N ILE A 165 -3.06 -3.22 -15.74
CA ILE A 165 -3.48 -1.86 -15.37
C ILE A 165 -2.62 -0.78 -16.05
N MET A 166 -1.35 -1.10 -16.35
CA MET A 166 -0.55 -0.17 -17.17
C MET A 166 -1.06 -0.15 -18.62
N LEU A 167 -1.73 -1.23 -18.98
CA LEU A 167 -2.47 -1.34 -20.23
C LEU A 167 -3.57 -0.29 -20.23
N VAL A 168 -4.46 -0.37 -19.24
CA VAL A 168 -5.67 0.45 -19.21
C VAL A 168 -5.42 1.88 -18.72
N SER A 169 -4.88 2.02 -17.52
CA SER A 169 -4.58 3.34 -16.98
C SER A 169 -3.47 3.94 -17.81
N PHE A 170 -3.77 3.99 -19.11
CA PHE A 170 -3.00 4.67 -20.12
C PHE A 170 -4.08 5.01 -21.16
N ALA A 171 -4.61 3.98 -21.81
CA ALA A 171 -5.78 4.15 -22.68
C ALA A 171 -7.05 4.46 -21.88
N ALA A 172 -6.89 4.65 -20.57
CA ALA A 172 -7.89 5.28 -19.69
C ALA A 172 -7.71 6.80 -19.77
N PHE A 173 -6.46 7.23 -19.57
CA PHE A 173 -6.08 8.63 -19.68
C PHE A 173 -6.27 9.21 -21.09
N VAL A 174 -5.85 8.47 -22.10
CA VAL A 174 -6.03 8.91 -23.45
C VAL A 174 -7.53 9.11 -23.74
N LEU A 175 -8.35 8.21 -23.20
CA LEU A 175 -9.81 8.18 -23.44
C LEU A 175 -10.49 9.37 -22.87
N ASN A 176 -9.92 9.82 -21.75
CA ASN A 176 -10.39 10.95 -20.96
C ASN A 176 -10.07 12.31 -21.53
N VAL A 177 -8.94 12.41 -22.22
CA VAL A 177 -8.50 13.72 -22.66
C VAL A 177 -9.33 14.28 -23.82
N PRO A 178 -9.62 13.46 -24.85
CA PRO A 178 -10.77 13.77 -25.73
C PRO A 178 -12.01 14.15 -24.92
N LEU A 179 -12.67 13.13 -24.36
CA LEU A 179 -13.68 13.32 -23.33
C LEU A 179 -13.49 14.59 -22.47
N ASN A 180 -12.42 14.66 -21.66
CA ASN A 180 -12.15 15.82 -20.79
C ASN A 180 -12.82 17.06 -21.30
N TYR A 181 -12.50 17.45 -22.53
CA TYR A 181 -12.89 18.77 -22.99
C TYR A 181 -14.27 18.80 -23.61
N ILE A 182 -14.67 17.69 -24.24
CA ILE A 182 -15.97 17.65 -24.88
C ILE A 182 -17.07 17.94 -23.88
N PHE A 183 -16.70 18.20 -22.64
CA PHE A 183 -17.64 18.73 -21.65
C PHE A 183 -17.33 20.14 -21.22
N VAL A 184 -16.06 20.53 -21.25
CA VAL A 184 -15.72 21.87 -20.85
C VAL A 184 -16.31 22.89 -21.80
N TYR A 185 -16.03 22.71 -23.08
CA TYR A 185 -17.03 23.04 -24.10
C TYR A 185 -16.78 22.09 -25.24
N GLY A 186 -17.84 21.50 -25.75
CA GLY A 186 -17.67 20.38 -26.65
C GLY A 186 -18.57 20.35 -27.85
N LYS A 187 -18.72 19.14 -28.39
CA LYS A 187 -19.45 18.83 -29.62
C LYS A 187 -20.86 18.44 -29.29
N PHE A 188 -21.35 17.48 -30.11
CA PHE A 188 -22.55 16.69 -29.87
C PHE A 188 -22.81 16.66 -28.34
N GLY A 189 -21.79 16.24 -27.58
CA GLY A 189 -21.81 16.14 -26.11
C GLY A 189 -22.49 17.28 -25.39
N MET A 190 -22.72 17.09 -24.10
CA MET A 190 -23.43 18.05 -23.21
C MET A 190 -22.63 19.36 -23.04
N PRO A 191 -22.35 20.04 -24.17
CA PRO A 191 -21.09 20.78 -24.35
C PRO A 191 -20.78 21.89 -23.35
N ALA A 192 -21.72 22.23 -22.47
CA ALA A 192 -21.60 23.48 -21.72
C ALA A 192 -20.77 23.44 -20.45
N LEU A 193 -21.25 22.73 -19.41
CA LEU A 193 -20.71 22.87 -18.05
C LEU A 193 -19.26 22.42 -18.08
N GLY A 194 -18.34 23.39 -18.01
CA GLY A 194 -16.92 23.20 -18.35
C GLY A 194 -15.94 23.34 -17.20
N GLY A 195 -16.42 23.98 -16.16
CA GLY A 195 -15.67 24.12 -14.92
C GLY A 195 -16.33 23.25 -13.87
N ALA A 196 -16.10 21.94 -14.03
CA ALA A 196 -16.75 20.88 -13.28
C ALA A 196 -16.77 19.82 -14.31
N GLY A 197 -16.97 20.28 -15.55
CA GLY A 197 -17.13 19.44 -16.72
C GLY A 197 -15.84 18.93 -17.30
N CYS A 198 -14.74 19.27 -16.61
CA CYS A 198 -13.42 18.69 -16.84
C CYS A 198 -13.34 17.43 -16.01
N GLY A 199 -14.25 17.38 -15.01
CA GLY A 199 -14.35 16.34 -13.97
C GLY A 199 -15.54 15.43 -14.14
N VAL A 200 -16.64 15.98 -14.65
CA VAL A 200 -17.62 15.08 -15.16
C VAL A 200 -16.91 14.22 -16.24
N ALA A 201 -15.85 14.75 -16.84
CA ALA A 201 -15.03 13.98 -17.79
C ALA A 201 -14.13 13.01 -17.05
N THR A 202 -13.48 13.50 -16.01
CA THR A 202 -12.53 12.72 -15.23
C THR A 202 -13.30 11.56 -14.68
N MET A 203 -14.39 11.90 -13.97
CA MET A 203 -15.17 10.91 -13.25
C MET A 203 -15.81 9.92 -14.20
N ALA A 204 -16.08 10.38 -15.42
CA ALA A 204 -16.65 9.52 -16.41
C ALA A 204 -15.65 8.43 -16.74
N VAL A 205 -14.37 8.70 -16.57
CA VAL A 205 -13.39 7.69 -16.94
C VAL A 205 -12.97 6.77 -15.79
N PHE A 206 -13.24 7.17 -14.55
CA PHE A 206 -13.21 6.26 -13.39
C PHE A 206 -14.11 5.05 -13.56
N TRP A 207 -15.25 5.33 -14.18
CA TRP A 207 -16.29 4.38 -14.42
C TRP A 207 -15.96 3.55 -15.63
N PHE A 208 -15.15 4.08 -16.55
CA PHE A 208 -14.65 3.29 -17.67
C PHE A 208 -13.51 2.42 -17.23
N SER A 209 -12.69 2.93 -16.32
CA SER A 209 -11.61 2.12 -15.84
C SER A 209 -12.14 1.19 -14.73
N ALA A 210 -13.37 1.47 -14.31
CA ALA A 210 -14.10 0.57 -13.43
C ALA A 210 -14.39 -0.75 -14.18
N LEU A 211 -14.70 -0.65 -15.47
CA LEU A 211 -14.95 -1.83 -16.30
C LEU A 211 -13.76 -2.03 -17.20
N ALA A 212 -12.60 -2.01 -16.58
CA ALA A 212 -11.36 -2.40 -17.18
C ALA A 212 -10.74 -3.26 -16.08
N LEU A 213 -11.54 -3.39 -15.02
CA LEU A 213 -11.57 -4.56 -14.15
C LEU A 213 -12.50 -5.54 -14.86
N TRP A 214 -13.79 -5.26 -14.84
CA TRP A 214 -14.71 -6.25 -15.36
C TRP A 214 -14.21 -6.99 -16.52
N ILE A 215 -13.56 -6.28 -17.44
CA ILE A 215 -13.03 -6.85 -18.69
C ILE A 215 -11.73 -7.69 -18.58
N TYR A 216 -11.17 -7.79 -17.37
CA TYR A 216 -10.02 -8.66 -17.17
C TYR A 216 -10.18 -9.82 -16.19
N ILE A 217 -11.39 -10.39 -16.25
CA ILE A 217 -11.58 -11.83 -16.17
C ILE A 217 -11.57 -12.17 -17.67
N ALA A 218 -10.38 -12.09 -18.27
CA ALA A 218 -10.23 -12.28 -19.72
C ALA A 218 -8.98 -13.09 -20.13
N LYS A 219 -7.83 -12.85 -19.50
CA LYS A 219 -6.56 -13.48 -19.94
C LYS A 219 -6.16 -14.87 -19.39
N GLU A 220 -7.03 -15.51 -18.58
CA GLU A 220 -6.70 -16.76 -17.88
C GLU A 220 -7.85 -17.19 -16.92
N LYS A 221 -7.53 -17.91 -15.84
CA LYS A 221 -8.52 -18.34 -14.84
C LYS A 221 -9.01 -17.21 -13.93
N PHE A 222 -10.13 -17.48 -13.27
CA PHE A 222 -10.97 -16.46 -12.65
C PHE A 222 -10.41 -15.66 -11.47
N PHE A 223 -10.77 -14.36 -11.46
CA PHE A 223 -11.00 -13.55 -10.24
C PHE A 223 -12.46 -13.01 -10.29
N ARG A 224 -13.26 -13.57 -11.19
CA ARG A 224 -14.68 -13.35 -11.17
C ARG A 224 -15.32 -14.32 -10.16
N PRO A 225 -15.55 -13.88 -8.89
CA PRO A 225 -16.72 -14.43 -8.20
C PRO A 225 -17.62 -13.31 -7.64
N PHE A 226 -18.33 -12.58 -8.51
CA PHE A 226 -19.28 -11.52 -8.10
C PHE A 226 -20.66 -12.15 -7.85
N GLY A 227 -20.66 -13.38 -7.34
CA GLY A 227 -21.85 -13.97 -6.73
C GLY A 227 -22.14 -13.07 -5.55
N LEU A 228 -23.43 -12.90 -5.20
CA LEU A 228 -23.84 -11.81 -4.27
C LEU A 228 -22.73 -11.56 -3.20
N THR A 229 -21.99 -10.45 -3.42
CA THR A 229 -20.88 -9.95 -2.58
C THR A 229 -21.16 -10.00 -1.05
N ALA A 230 -22.44 -10.09 -0.67
CA ALA A 230 -22.94 -10.07 0.72
C ALA A 230 -21.93 -10.44 1.82
N LYS A 231 -22.23 -10.05 3.06
CA LYS A 231 -21.37 -10.42 4.20
C LYS A 231 -21.99 -11.41 5.23
N PHE A 232 -22.66 -10.91 6.28
CA PHE A 232 -23.21 -11.69 7.44
C PHE A 232 -22.58 -13.05 7.87
N GLY A 233 -21.90 -13.03 9.02
CA GLY A 233 -21.18 -14.21 9.54
C GLY A 233 -21.33 -14.41 11.04
N LYS A 234 -21.43 -13.31 11.79
CA LYS A 234 -21.80 -13.32 13.22
C LYS A 234 -22.78 -12.13 13.49
N PRO A 235 -22.42 -11.15 14.35
CA PRO A 235 -23.13 -9.86 14.17
C PRO A 235 -22.90 -9.18 12.79
N ASP A 236 -21.66 -9.24 12.28
CA ASP A 236 -21.26 -8.66 10.97
C ASP A 236 -19.99 -9.31 10.37
N TRP A 237 -20.07 -9.68 9.09
CA TRP A 237 -19.06 -10.55 8.42
C TRP A 237 -17.76 -9.91 8.10
N ALA A 238 -16.71 -10.51 8.64
CA ALA A 238 -15.34 -10.17 8.32
C ALA A 238 -14.96 -10.68 6.92
N VAL A 239 -13.70 -11.06 6.74
CA VAL A 239 -13.04 -11.08 5.42
C VAL A 239 -13.43 -9.78 4.72
N PHE A 240 -13.65 -8.77 5.57
CA PHE A 240 -14.40 -7.55 5.30
C PHE A 240 -14.19 -6.71 6.56
N LYS A 241 -14.62 -7.27 7.69
CA LYS A 241 -14.27 -6.73 8.98
C LYS A 241 -12.77 -6.99 9.19
N GLN A 242 -12.25 -7.97 8.45
CA GLN A 242 -10.81 -8.25 8.43
C GLN A 242 -10.07 -7.18 7.63
N ILE A 243 -10.64 -6.82 6.47
CA ILE A 243 -10.21 -5.66 5.72
C ILE A 243 -10.18 -4.44 6.65
N TRP A 244 -10.98 -4.49 7.71
CA TRP A 244 -11.08 -3.34 8.59
C TRP A 244 -9.76 -2.90 9.15
N LYS A 245 -9.08 -3.73 9.94
CA LYS A 245 -7.80 -3.26 10.53
C LYS A 245 -6.51 -3.60 9.76
N ILE A 246 -6.67 -3.66 8.44
CA ILE A 246 -5.61 -3.24 7.56
C ILE A 246 -5.98 -1.84 7.04
N GLY A 247 -7.27 -1.62 6.77
CA GLY A 247 -7.80 -0.33 6.29
C GLY A 247 -7.59 0.89 7.17
N ALA A 248 -8.28 0.95 8.33
CA ALA A 248 -8.09 2.02 9.35
C ALA A 248 -6.61 2.40 9.41
N PRO A 249 -5.78 1.45 9.84
CA PRO A 249 -4.37 1.71 9.97
C PRO A 249 -3.70 2.42 8.79
N ILE A 250 -4.28 2.34 7.60
CA ILE A 250 -3.58 2.92 6.48
C ILE A 250 -4.18 4.24 6.08
N GLY A 251 -5.50 4.30 6.08
CA GLY A 251 -6.16 5.56 5.77
C GLY A 251 -5.74 6.62 6.78
N LEU A 252 -5.87 6.27 8.07
CA LEU A 252 -5.64 7.21 9.16
C LEU A 252 -4.17 7.53 9.26
N SER A 253 -3.40 6.63 8.64
CA SER A 253 -2.00 6.86 8.26
C SER A 253 -1.76 7.40 6.82
N TYR A 254 -2.80 7.58 6.01
CA TYR A 254 -2.67 8.42 4.82
C TYR A 254 -3.15 9.81 5.23
N PHE A 255 -3.32 9.95 6.54
CA PHE A 255 -3.56 11.22 7.18
C PHE A 255 -2.30 11.69 7.88
N LEU A 256 -1.23 11.02 7.49
CA LEU A 256 0.14 11.55 7.41
C LEU A 256 0.03 12.67 6.40
N GLU A 257 0.27 12.28 5.16
CA GLU A 257 0.29 13.19 4.07
C GLU A 257 -1.03 13.96 3.95
N ALA A 258 -1.91 13.81 4.95
CA ALA A 258 -3.18 14.55 4.99
C ALA A 258 -3.19 15.75 5.94
N SER A 259 -2.16 15.82 6.78
CA SER A 259 -1.83 17.09 7.37
C SER A 259 -0.49 17.62 6.80
N ALA A 260 0.29 16.79 6.09
CA ALA A 260 1.37 17.26 5.18
C ALA A 260 0.68 17.93 4.01
N PHE A 261 -0.49 18.49 4.37
CA PHE A 261 -1.62 19.01 3.57
C PHE A 261 -1.95 20.37 4.24
N SER A 262 -2.06 20.38 5.58
CA SER A 262 -2.44 21.59 6.37
C SER A 262 -1.29 22.20 7.19
N PHE A 263 -0.12 21.58 7.10
CA PHE A 263 1.12 22.18 7.55
C PHE A 263 1.57 23.01 6.34
N ILE A 264 1.87 22.29 5.26
CA ILE A 264 2.44 22.80 4.01
C ILE A 264 1.58 23.92 3.40
N VAL A 265 0.26 23.76 3.46
CA VAL A 265 -0.68 24.80 3.01
C VAL A 265 -1.24 25.55 4.24
N PHE A 266 -0.39 25.75 5.24
CA PHE A 266 -0.61 26.81 6.23
C PHE A 266 0.66 27.55 6.58
N LEU A 267 1.76 27.20 5.91
CA LEU A 267 2.92 28.07 5.90
C LEU A 267 3.16 28.75 4.56
N ILE A 268 2.07 29.02 3.86
CA ILE A 268 2.02 30.09 2.86
C ILE A 268 1.18 31.21 3.51
N ALA A 269 0.89 31.02 4.81
CA ALA A 269 -0.14 31.78 5.56
C ALA A 269 0.32 32.99 6.42
N PRO A 270 1.61 33.02 6.83
CA PRO A 270 2.06 34.34 7.30
C PRO A 270 2.15 35.30 6.11
N PHE A 271 2.81 36.45 6.29
CA PHE A 271 3.20 37.26 5.14
C PHE A 271 4.25 36.47 4.34
N GLY A 272 4.19 35.13 4.42
CA GLY A 272 5.11 34.25 3.68
C GLY A 272 4.79 34.17 2.20
N GLU A 273 3.49 34.18 1.89
CA GLU A 273 2.89 34.30 0.52
C GLU A 273 3.73 33.85 -0.70
N ASP A 274 4.46 34.78 -1.33
CA ASP A 274 5.13 34.65 -2.65
C ASP A 274 5.79 33.30 -2.98
N TYR A 275 7.12 33.23 -2.84
CA TYR A 275 7.92 32.03 -3.14
C TYR A 275 7.73 30.91 -2.11
N VAL A 276 6.87 31.17 -1.12
CA VAL A 276 6.53 30.19 -0.07
C VAL A 276 5.22 29.48 -0.42
N ALA A 277 4.44 30.10 -1.31
CA ALA A 277 3.41 29.39 -2.04
C ALA A 277 3.97 28.93 -3.39
N ALA A 278 5.30 29.00 -3.53
CA ALA A 278 6.05 28.29 -4.57
C ALA A 278 6.70 27.01 -3.98
N GLN A 279 6.27 26.71 -2.76
CA GLN A 279 6.53 25.47 -2.06
C GLN A 279 5.38 24.54 -2.47
N GLN A 280 5.22 24.37 -3.79
CA GLN A 280 4.13 23.60 -4.39
C GLN A 280 4.30 23.31 -5.90
N VAL A 281 5.10 24.12 -6.60
CA VAL A 281 5.75 23.64 -7.84
C VAL A 281 7.00 22.95 -7.30
N GLY A 282 7.27 23.20 -6.00
CA GLY A 282 8.29 22.50 -5.23
C GLY A 282 7.85 21.12 -4.76
N ILE A 283 6.94 21.07 -3.79
CA ILE A 283 6.49 19.79 -3.18
C ILE A 283 5.41 19.05 -3.97
N SER A 284 4.86 19.70 -4.99
CA SER A 284 4.08 18.99 -5.98
C SER A 284 5.03 18.29 -6.94
N LEU A 285 6.33 18.66 -6.86
CA LEU A 285 7.39 17.94 -7.57
C LEU A 285 8.13 16.93 -6.64
N SER A 286 7.79 16.96 -5.34
CA SER A 286 7.99 15.79 -4.46
C SER A 286 7.03 14.73 -4.99
N GLY A 287 5.77 14.83 -4.55
CA GLY A 287 4.64 14.13 -5.15
C GLY A 287 4.96 13.60 -6.53
N ILE A 288 5.32 14.46 -7.49
CA ILE A 288 5.44 14.04 -8.92
C ILE A 288 6.33 12.82 -9.13
N LEU A 289 7.62 12.95 -8.87
CA LEU A 289 8.44 11.78 -9.00
C LEU A 289 9.05 11.46 -7.63
N TYR A 290 8.12 11.39 -6.67
CA TYR A 290 8.27 10.66 -5.42
C TYR A 290 7.35 9.42 -5.53
N MET A 291 6.43 9.48 -6.49
CA MET A 291 5.39 8.47 -6.72
C MET A 291 5.92 7.14 -7.25
N ILE A 292 6.83 7.22 -8.23
CA ILE A 292 7.52 6.03 -8.76
C ILE A 292 8.50 5.47 -7.73
N PRO A 293 9.21 6.36 -7.01
CA PRO A 293 9.92 5.99 -5.79
C PRO A 293 9.02 5.26 -4.79
N GLN A 294 8.84 5.84 -3.60
CA GLN A 294 7.88 5.36 -2.59
C GLN A 294 7.14 4.08 -3.00
N SER A 295 6.52 4.13 -4.19
CA SER A 295 5.52 3.17 -4.57
C SER A 295 6.03 1.92 -5.27
N VAL A 296 7.34 1.70 -5.24
CA VAL A 296 7.89 0.38 -5.59
C VAL A 296 7.62 -0.59 -4.44
N GLY A 297 7.71 -0.07 -3.21
CA GLY A 297 7.38 -0.79 -1.98
C GLY A 297 5.87 -0.99 -1.84
N SER A 298 5.11 0.07 -2.11
CA SER A 298 3.64 0.01 -2.21
C SER A 298 3.23 -0.88 -3.41
N ALA A 299 4.23 -1.52 -4.02
CA ALA A 299 4.04 -2.58 -5.01
C ALA A 299 4.88 -3.79 -4.58
N GLY A 300 6.15 -3.55 -4.22
CA GLY A 300 6.98 -4.58 -3.59
C GLY A 300 6.25 -5.25 -2.45
N THR A 301 5.36 -4.50 -1.79
CA THR A 301 4.43 -4.99 -0.74
C THR A 301 3.73 -6.35 -1.03
N VAL A 302 3.66 -6.69 -2.31
CA VAL A 302 3.23 -8.01 -2.73
C VAL A 302 4.36 -8.95 -2.39
N ARG A 303 5.46 -8.83 -3.12
CA ARG A 303 6.51 -9.84 -3.15
C ARG A 303 7.12 -10.12 -1.77
N ILE A 304 6.41 -9.66 -0.75
CA ILE A 304 6.71 -9.95 0.65
C ILE A 304 5.52 -10.72 1.28
N GLY A 305 4.36 -10.08 1.35
CA GLY A 305 3.15 -10.74 1.85
C GLY A 305 2.84 -12.00 1.04
N PHE A 306 3.17 -11.96 -0.25
CA PHE A 306 3.05 -13.08 -1.19
C PHE A 306 3.95 -14.20 -0.74
N SER A 307 5.23 -13.90 -0.64
CA SER A 307 6.19 -14.83 -0.12
C SER A 307 6.09 -14.84 1.41
N LEU A 308 4.86 -15.01 1.89
CA LEU A 308 4.56 -15.33 3.29
C LEU A 308 3.60 -16.51 3.28
N GLY A 309 2.61 -16.43 2.38
CA GLY A 309 1.77 -17.57 2.01
C GLY A 309 2.66 -18.65 1.41
N ARG A 310 3.12 -18.46 0.17
CA ARG A 310 4.29 -19.18 -0.33
C ARG A 310 5.35 -19.01 0.76
N ARG A 311 5.46 -20.04 1.60
CA ARG A 311 6.01 -19.94 2.94
C ARG A 311 7.53 -19.69 2.99
N GLU A 312 8.01 -18.78 2.15
CA GLU A 312 9.43 -18.44 2.05
C GLU A 312 9.83 -17.37 3.06
N PHE A 313 9.83 -17.76 4.33
CA PHE A 313 9.98 -16.85 5.47
C PHE A 313 11.28 -16.05 5.50
N SER A 314 11.13 -14.78 5.15
CA SER A 314 12.25 -13.87 4.98
C SER A 314 13.21 -14.26 3.81
N ARG A 315 12.98 -15.41 3.18
CA ARG A 315 13.46 -15.59 1.80
C ARG A 315 12.59 -14.63 0.97
N ALA A 316 12.29 -13.50 1.64
CA ALA A 316 11.27 -12.51 1.28
C ALA A 316 11.41 -11.20 2.12
N ARG A 317 11.54 -11.37 3.44
CA ARG A 317 11.83 -10.26 4.31
C ARG A 317 13.33 -9.97 4.35
N TYR A 318 14.13 -10.91 3.85
CA TYR A 318 15.50 -10.59 3.44
C TYR A 318 15.59 -10.50 1.90
N ILE A 319 14.44 -10.10 1.31
CA ILE A 319 14.37 -9.32 0.03
C ILE A 319 13.72 -7.96 0.28
N SER A 320 12.88 -7.89 1.33
CA SER A 320 12.41 -6.61 1.86
C SER A 320 13.60 -5.62 2.04
N GLY A 321 14.75 -6.12 2.46
CA GLY A 321 15.95 -5.31 2.39
C GLY A 321 16.33 -4.92 0.97
N VAL A 322 16.78 -5.88 0.16
CA VAL A 322 17.34 -5.60 -1.19
C VAL A 322 16.23 -5.15 -2.16
N SER A 323 15.13 -4.69 -1.56
CA SER A 323 14.12 -3.89 -2.22
C SER A 323 14.04 -2.52 -1.54
N LEU A 324 14.08 -2.49 -0.19
CA LEU A 324 14.26 -1.26 0.59
C LEU A 324 15.33 -0.39 -0.08
N VAL A 325 16.39 -1.07 -0.49
CA VAL A 325 17.66 -0.46 -0.80
C VAL A 325 17.87 -0.13 -2.29
N SER A 326 17.08 -0.73 -3.18
CA SER A 326 17.40 -0.70 -4.62
C SER A 326 16.91 0.55 -5.39
N GLY A 327 15.88 1.18 -4.84
CA GLY A 327 15.45 2.52 -5.28
C GLY A 327 15.86 3.52 -4.22
N TRP A 328 16.50 2.98 -3.18
CA TRP A 328 17.24 3.71 -2.16
C TRP A 328 18.59 4.03 -2.72
N VAL A 329 18.93 3.32 -3.82
CA VAL A 329 20.00 3.68 -4.76
C VAL A 329 19.57 4.93 -5.53
N LEU A 330 18.34 4.90 -6.07
CA LEU A 330 17.75 6.05 -6.75
C LEU A 330 17.21 7.12 -5.78
N ALA A 331 17.06 6.72 -4.50
CA ALA A 331 16.68 7.63 -3.39
C ALA A 331 17.69 8.73 -3.27
N VAL A 332 18.95 8.33 -3.40
CA VAL A 332 20.06 9.26 -3.35
C VAL A 332 20.51 9.65 -4.78
N ILE A 333 20.55 8.70 -5.72
CA ILE A 333 20.90 9.07 -7.13
C ILE A 333 19.75 9.75 -7.89
N THR A 334 18.74 10.16 -7.13
CA THR A 334 17.81 11.20 -7.54
C THR A 334 17.17 11.84 -6.29
N VAL A 335 18.03 12.13 -5.31
CA VAL A 335 17.86 13.26 -4.38
C VAL A 335 18.86 14.31 -4.87
N LEU A 336 19.66 13.90 -5.86
CA LEU A 336 20.67 14.75 -6.48
C LEU A 336 20.08 15.68 -7.53
N SER A 337 19.20 15.15 -8.37
CA SER A 337 18.52 15.94 -9.39
C SER A 337 17.34 16.75 -8.79
N LEU A 338 17.39 17.00 -7.47
CA LEU A 338 16.26 17.63 -6.74
C LEU A 338 16.64 18.91 -5.99
N VAL A 339 17.73 18.85 -5.20
CA VAL A 339 18.34 20.04 -4.57
C VAL A 339 19.22 20.76 -5.60
N LEU A 340 19.70 19.96 -6.57
CA LEU A 340 20.49 20.42 -7.72
C LEU A 340 19.59 21.17 -8.72
N PHE A 341 19.05 20.43 -9.69
CA PHE A 341 18.24 20.96 -10.79
C PHE A 341 17.03 21.80 -10.33
N ARG A 342 16.55 22.67 -11.23
CA ARG A 342 15.50 23.63 -10.91
C ARG A 342 14.16 23.31 -11.57
N SER A 343 13.32 24.34 -11.71
CA SER A 343 12.09 24.30 -12.49
C SER A 343 12.30 25.17 -13.75
N PRO A 344 13.40 24.94 -14.53
CA PRO A 344 13.94 25.91 -15.51
C PRO A 344 13.06 26.21 -16.76
N LEU A 345 13.62 26.88 -17.78
CA LEU A 345 12.88 27.45 -18.94
C LEU A 345 12.08 26.45 -19.81
N ALA A 346 11.32 25.57 -19.13
CA ALA A 346 10.33 24.69 -19.75
C ALA A 346 9.10 24.60 -18.83
N SER A 347 9.17 25.30 -17.69
CA SER A 347 8.06 25.44 -16.74
C SER A 347 7.21 26.66 -17.13
N MET A 348 6.00 26.40 -17.62
CA MET A 348 5.12 27.42 -18.22
C MET A 348 4.18 28.07 -17.19
N TYR A 349 3.08 27.37 -16.86
CA TYR A 349 2.15 27.75 -15.76
C TYR A 349 1.14 26.64 -15.43
N ASN A 350 1.65 25.42 -15.30
CA ASN A 350 0.81 24.21 -15.29
C ASN A 350 0.15 23.82 -13.96
N ASP A 351 0.59 22.71 -13.35
CA ASP A 351 -0.04 22.11 -12.15
C ASP A 351 -0.27 23.05 -10.96
N ASP A 352 0.34 24.23 -11.02
CA ASP A 352 0.19 25.27 -10.00
C ASP A 352 0.71 26.59 -10.60
N PRO A 353 -0.18 27.60 -10.77
CA PRO A 353 0.15 28.75 -11.63
C PRO A 353 1.20 29.75 -11.10
N ALA A 354 2.49 29.35 -11.11
CA ALA A 354 3.62 30.23 -10.69
C ALA A 354 5.02 29.66 -11.02
N VAL A 355 5.71 30.27 -11.97
CA VAL A 355 7.09 29.85 -12.31
C VAL A 355 8.13 30.99 -12.27
N LEU A 356 8.24 31.80 -13.34
CA LEU A 356 9.36 32.78 -13.48
C LEU A 356 9.44 33.87 -12.37
N SER A 357 10.63 34.02 -11.79
CA SER A 357 11.01 35.06 -10.79
C SER A 357 10.86 34.72 -9.28
N ILE A 358 11.04 33.45 -8.91
CA ILE A 358 10.98 33.00 -7.50
C ILE A 358 12.12 32.01 -7.08
N ALA A 359 12.26 31.83 -5.77
CA ALA A 359 13.48 31.28 -5.19
C ALA A 359 13.53 29.75 -5.09
N SER A 360 14.76 29.23 -5.13
CA SER A 360 15.08 27.81 -4.88
C SER A 360 15.24 27.46 -3.40
N THR A 361 14.75 28.32 -2.50
CA THR A 361 14.57 27.94 -1.09
C THR A 361 13.40 26.96 -1.04
N VAL A 362 13.25 26.27 -2.16
CA VAL A 362 12.24 25.25 -2.39
C VAL A 362 12.95 23.90 -2.69
N LEU A 363 14.20 23.98 -3.15
CA LEU A 363 15.05 22.81 -3.30
C LEU A 363 15.71 22.42 -1.95
N LEU A 364 15.62 23.32 -0.98
CA LEU A 364 16.25 23.19 0.35
C LEU A 364 15.54 22.20 1.28
N PHE A 365 14.60 21.47 0.71
CA PHE A 365 14.03 20.33 1.38
C PHE A 365 13.89 19.20 0.38
N ALA A 366 14.27 19.46 -0.87
CA ALA A 366 14.43 18.40 -1.86
C ALA A 366 15.66 17.54 -1.52
N GLY A 367 16.13 17.68 -0.28
CA GLY A 367 17.17 16.83 0.31
C GLY A 367 16.83 16.48 1.75
N LEU A 368 16.58 17.52 2.57
CA LEU A 368 16.20 17.43 4.00
C LEU A 368 15.50 16.14 4.36
N PHE A 369 14.23 16.11 3.98
CA PHE A 369 13.38 14.98 4.20
C PHE A 369 13.62 13.92 3.11
N GLN A 370 14.14 14.34 1.94
CA GLN A 370 13.88 13.64 0.64
C GLN A 370 14.24 12.14 0.43
N PRO A 371 15.50 11.72 0.67
CA PRO A 371 15.65 10.26 0.73
C PRO A 371 15.61 9.69 2.16
N ALA A 372 15.53 10.59 3.15
CA ALA A 372 15.31 10.23 4.57
C ALA A 372 13.80 10.11 4.86
N ASP A 373 13.06 9.85 3.78
CA ASP A 373 11.62 9.63 3.75
C ASP A 373 11.28 8.72 2.56
N PHE A 374 11.90 9.03 1.41
CA PHE A 374 11.84 8.22 0.17
C PHE A 374 11.33 6.83 0.47
N THR A 375 12.05 6.21 1.39
CA THR A 375 11.91 4.83 1.72
C THR A 375 11.17 4.66 3.04
N GLN A 376 11.31 5.65 3.94
CA GLN A 376 10.71 5.59 5.29
C GLN A 376 9.20 5.46 5.27
N CYS A 377 8.64 5.36 4.07
CA CYS A 377 7.33 4.78 3.94
C CYS A 377 7.40 3.42 3.21
N ILE A 378 8.26 3.29 2.20
CA ILE A 378 8.42 1.98 1.50
C ILE A 378 8.88 0.87 2.47
N ALA A 379 9.40 1.31 3.61
CA ALA A 379 9.61 0.46 4.79
C ALA A 379 8.26 0.15 5.44
N SER A 380 7.30 1.06 5.34
CA SER A 380 5.96 0.70 5.76
C SER A 380 5.24 -0.21 4.75
N TYR A 381 5.24 0.14 3.45
CA TYR A 381 4.61 -0.77 2.43
C TYR A 381 5.49 -1.99 2.23
N ALA A 382 5.74 -2.66 3.35
CA ALA A 382 6.71 -3.73 3.47
C ALA A 382 6.66 -4.22 4.90
N LEU A 383 5.65 -3.75 5.63
CA LEU A 383 5.59 -3.93 7.09
C LEU A 383 4.16 -4.27 7.37
N ARG A 384 3.37 -3.20 7.30
CA ARG A 384 2.07 -3.35 6.77
C ARG A 384 2.28 -4.24 5.53
N GLY A 385 2.94 -3.68 4.50
CA GLY A 385 3.04 -4.31 3.18
C GLY A 385 3.25 -5.80 3.20
N TYR A 386 4.08 -6.23 4.14
CA TYR A 386 4.27 -7.62 4.41
C TYR A 386 3.13 -8.09 5.30
N LYS A 387 3.10 -7.55 6.50
CA LYS A 387 2.32 -8.15 7.56
C LYS A 387 1.12 -7.32 7.92
N VAL A 388 0.44 -7.78 8.94
CA VAL A 388 -0.51 -7.00 9.74
C VAL A 388 0.02 -5.58 9.92
N THR A 389 1.35 -5.43 9.91
CA THR A 389 1.95 -4.31 10.63
C THR A 389 1.89 -2.92 9.97
N LYS A 390 0.66 -2.46 9.96
CA LYS A 390 0.31 -1.07 9.98
C LYS A 390 -0.56 -0.95 11.23
N VAL A 391 -0.75 -2.06 11.97
CA VAL A 391 -1.69 -2.16 13.14
C VAL A 391 -1.64 -0.96 14.15
N PRO A 392 -0.43 -0.61 14.66
CA PRO A 392 -0.06 0.80 14.84
C PRO A 392 1.27 1.18 14.15
N MET A 393 1.32 0.90 12.86
CA MET A 393 2.02 1.76 11.92
C MET A 393 1.19 3.04 11.84
N PHE A 394 -0.12 2.91 11.82
CA PHE A 394 -1.01 3.98 12.24
C PHE A 394 -0.25 4.91 13.20
N ILE A 395 0.18 4.36 14.33
CA ILE A 395 0.96 5.12 15.30
C ILE A 395 2.46 5.27 14.87
N HIS A 396 2.85 4.75 13.70
CA HIS A 396 4.10 5.19 13.03
C HIS A 396 4.02 6.67 12.83
N ALA A 397 2.94 7.11 12.20
CA ALA A 397 2.81 8.48 11.70
C ALA A 397 2.15 9.45 12.69
N ALA A 398 1.70 8.93 13.85
CA ALA A 398 1.26 9.79 14.98
C ALA A 398 2.42 10.67 15.53
N ALA A 399 3.59 10.52 14.88
CA ALA A 399 4.78 11.33 15.13
C ALA A 399 5.15 12.15 13.89
N PHE A 400 4.98 11.58 12.69
CA PHE A 400 5.38 12.24 11.44
C PHE A 400 4.44 13.39 11.10
N TRP A 401 3.73 13.82 12.15
CA TRP A 401 2.78 14.93 12.21
C TRP A 401 2.88 15.59 13.57
N GLY A 402 2.79 14.78 14.64
CA GLY A 402 2.78 15.27 16.04
C GLY A 402 4.16 15.52 16.61
N CYS A 403 5.17 15.21 15.79
CA CYS A 403 6.59 15.39 16.10
C CYS A 403 7.11 16.56 15.28
N GLY A 404 6.55 16.69 14.07
CA GLY A 404 6.67 17.89 13.25
C GLY A 404 5.50 18.88 13.38
N LEU A 405 4.79 18.78 14.51
CA LEU A 405 3.74 19.75 14.93
C LEU A 405 4.35 21.11 15.24
N LEU A 406 5.49 21.06 15.94
CA LEU A 406 6.09 22.24 16.55
C LEU A 406 7.25 22.84 15.71
N PRO A 407 8.03 21.97 14.99
CA PRO A 407 8.60 22.41 13.72
C PRO A 407 7.45 22.43 12.71
N GLY A 408 6.44 23.21 13.04
CA GLY A 408 5.35 23.58 12.15
C GLY A 408 5.39 25.10 12.28
N TYR A 409 5.24 25.55 13.52
CA TYR A 409 5.58 26.92 13.90
C TYR A 409 7.03 26.98 14.43
N LEU A 410 7.94 26.34 13.69
CA LEU A 410 9.36 26.53 13.91
C LEU A 410 10.10 26.75 12.57
N LEU A 411 9.33 27.24 11.52
CA LEU A 411 9.89 28.06 10.42
C LEU A 411 9.55 29.54 10.72
N ALA A 412 8.26 29.82 10.97
CA ALA A 412 7.74 31.17 11.35
C ALA A 412 8.17 31.51 12.80
N TYR A 413 9.46 31.90 12.87
CA TYR A 413 10.21 32.20 14.12
C TYR A 413 11.69 31.79 13.87
N ARG A 414 12.02 31.48 12.62
CA ARG A 414 13.24 30.72 12.24
C ARG A 414 14.62 31.29 12.60
N PHE A 415 15.56 30.38 12.94
CA PHE A 415 16.98 30.70 13.18
C PHE A 415 17.69 31.06 11.87
N ASP A 416 17.61 30.16 10.90
CA ASP A 416 18.22 30.34 9.57
C ASP A 416 17.23 31.02 8.62
N MET A 417 17.59 31.17 7.35
CA MET A 417 16.60 31.46 6.30
C MET A 417 15.72 30.21 6.17
N GLY A 418 15.09 29.88 7.31
CA GLY A 418 14.44 28.61 7.54
C GLY A 418 13.13 28.47 6.83
N ILE A 419 13.17 28.65 5.51
CA ILE A 419 12.08 28.32 4.64
C ILE A 419 11.88 26.80 4.67
N TYR A 420 12.97 26.05 4.94
CA TYR A 420 12.90 24.60 5.14
C TYR A 420 12.99 24.25 6.64
N GLY A 421 12.55 25.20 7.47
CA GLY A 421 12.83 25.21 8.91
C GLY A 421 11.79 24.64 9.86
N PHE A 422 10.55 24.52 9.40
CA PHE A 422 9.63 23.69 10.11
C PHE A 422 9.71 22.30 9.50
N TRP A 423 10.37 22.19 8.33
CA TRP A 423 10.93 20.94 7.85
C TRP A 423 12.13 20.69 8.68
N THR A 424 11.94 20.84 9.99
CA THR A 424 12.96 20.45 10.94
C THR A 424 12.63 19.04 11.44
N ALA A 425 11.88 18.90 12.53
CA ALA A 425 11.37 17.59 12.95
C ALA A 425 10.13 17.22 12.12
N LEU A 426 10.13 17.71 10.88
CA LEU A 426 9.35 17.14 9.77
C LEU A 426 10.33 16.80 8.64
N ILE A 427 11.58 16.61 9.07
CA ILE A 427 12.58 15.79 8.37
C ILE A 427 13.33 14.95 9.43
N ALA A 428 13.13 15.27 10.72
CA ALA A 428 13.73 14.54 11.88
C ALA A 428 12.68 13.82 12.73
N SER A 429 11.47 14.38 12.75
CA SER A 429 10.24 13.65 13.04
C SER A 429 10.13 12.57 11.99
N LEU A 430 10.61 12.92 10.80
CA LEU A 430 10.39 12.19 9.58
C LEU A 430 11.60 11.30 9.16
N THR A 431 12.68 11.34 9.95
CA THR A 431 13.62 10.22 9.99
C THR A 431 13.76 9.71 11.42
N ILE A 432 12.69 9.85 12.22
CA ILE A 432 12.44 8.89 13.32
C ILE A 432 11.62 7.70 12.71
N ALA A 433 11.69 7.59 11.38
CA ALA A 433 11.17 6.44 10.65
C ALA A 433 12.31 5.56 10.14
N ALA A 434 13.50 6.14 9.96
CA ALA A 434 14.74 5.35 9.71
C ALA A 434 14.87 4.34 10.83
N VAL A 435 13.96 4.50 11.80
CA VAL A 435 13.92 3.75 13.03
C VAL A 435 12.55 3.04 13.19
N ALA A 436 11.55 3.75 13.77
CA ALA A 436 10.22 3.20 14.18
C ALA A 436 9.79 1.96 13.38
N LEU A 437 9.81 2.16 12.07
CA LEU A 437 9.44 1.15 11.09
C LEU A 437 10.62 0.20 10.98
N VAL A 438 11.57 0.54 10.11
CA VAL A 438 12.71 -0.30 9.82
C VAL A 438 13.46 -0.70 11.10
N TRP A 439 12.72 -0.65 12.20
CA TRP A 439 13.10 -1.23 13.48
C TRP A 439 12.23 -2.46 13.63
N CYS A 440 11.00 -2.38 13.14
CA CYS A 440 10.08 -3.51 13.01
C CYS A 440 10.16 -4.07 11.56
N LEU A 441 11.32 -4.60 11.26
CA LEU A 441 11.70 -5.08 9.94
C LEU A 441 13.14 -5.29 10.29
N GLU A 442 13.30 -5.49 11.60
CA GLU A 442 14.38 -6.24 12.20
C GLU A 442 14.01 -6.59 13.67
N LYS A 443 12.78 -6.19 14.08
CA LYS A 443 12.01 -6.97 15.07
C LYS A 443 11.25 -7.90 14.15
N TYR A 444 11.23 -7.53 12.88
CA TYR A 444 10.28 -8.18 12.04
C TYR A 444 10.70 -9.28 11.07
N SER A 445 11.86 -9.11 10.47
CA SER A 445 12.48 -10.20 9.75
C SER A 445 13.11 -11.06 10.83
N MET A 446 12.78 -10.69 12.07
CA MET A 446 13.13 -11.45 13.26
C MET A 446 11.89 -12.10 13.88
N GLU A 447 10.81 -12.16 13.10
CA GLU A 447 9.69 -12.98 13.49
C GLU A 447 9.59 -14.18 12.58
N LEU A 448 10.42 -14.16 11.53
CA LEU A 448 10.60 -15.28 10.59
C LEU A 448 11.91 -15.99 10.93
N VAL A 449 12.12 -15.99 12.24
CA VAL A 449 12.87 -16.99 12.95
C VAL A 449 11.81 -17.71 13.79
N LYS A 450 11.20 -16.97 14.73
CA LYS A 450 10.09 -17.46 15.55
C LYS A 450 9.11 -18.32 14.73
N SER A 451 8.68 -17.77 13.60
CA SER A 451 7.73 -18.44 12.71
C SER A 451 8.37 -19.60 11.90
N HIS A 452 9.60 -19.39 11.41
CA HIS A 452 10.30 -20.40 10.61
C HIS A 452 10.67 -21.54 11.49
N LYS A 453 9.65 -22.30 11.90
CA LYS A 453 9.80 -23.16 13.04
C LYS A 453 10.38 -24.54 12.73
N ALA A 454 10.78 -24.74 11.47
CA ALA A 454 11.75 -25.78 11.13
C ALA A 454 12.79 -25.24 10.14
N VAL A 455 14.04 -25.05 10.59
CA VAL A 455 15.12 -24.30 9.85
C VAL A 455 15.54 -24.83 8.46
N SER A 456 15.32 -26.14 8.24
CA SER A 456 15.56 -26.85 6.97
C SER A 456 14.94 -28.27 7.03
N SER A 457 14.89 -29.00 5.90
CA SER A 457 14.23 -30.33 5.86
C SER A 457 15.13 -31.55 5.61
N GLY A 458 14.52 -32.69 5.29
CA GLY A 458 15.26 -33.86 4.84
C GLY A 458 15.61 -33.63 3.39
N LEU A 459 15.86 -34.71 2.66
CA LEU A 459 16.11 -34.65 1.21
C LEU A 459 15.96 -36.04 0.57
N VAL B 9 11.00 -47.76 -0.84
CA VAL B 9 12.35 -47.26 -1.27
C VAL B 9 12.31 -45.77 -1.64
N SER B 10 12.65 -44.88 -0.68
CA SER B 10 12.70 -43.41 -0.94
C SER B 10 13.34 -42.52 0.19
N SER B 11 12.84 -41.29 0.33
CA SER B 11 13.19 -40.33 1.40
C SER B 11 11.89 -39.80 2.03
N VAL B 12 11.98 -38.80 2.90
CA VAL B 12 10.84 -38.48 3.79
C VAL B 12 9.72 -37.59 3.18
N PRO B 13 8.52 -37.43 3.83
CA PRO B 13 7.59 -36.28 3.68
C PRO B 13 8.27 -34.93 3.82
N THR B 14 9.28 -34.66 2.98
CA THR B 14 10.45 -33.78 3.26
C THR B 14 10.28 -32.24 3.39
N LYS B 15 9.35 -31.76 4.20
CA LYS B 15 9.34 -30.35 4.60
C LYS B 15 9.38 -30.34 6.10
N LEU B 16 9.67 -29.18 6.68
CA LEU B 16 9.65 -28.99 8.13
C LEU B 16 9.06 -27.62 8.46
N GLU B 17 8.07 -27.58 9.36
CA GLU B 17 7.54 -26.30 9.81
C GLU B 17 6.49 -26.51 10.87
N VAL B 18 6.54 -25.67 11.87
CA VAL B 18 5.60 -25.76 12.94
C VAL B 18 5.03 -24.36 13.23
N VAL B 19 5.13 -23.47 12.22
CA VAL B 19 5.14 -21.97 12.34
C VAL B 19 5.17 -21.38 13.79
N ALA B 20 4.06 -21.53 14.50
CA ALA B 20 4.00 -21.19 15.91
C ALA B 20 3.02 -22.14 16.60
N ALA B 21 2.74 -21.82 17.83
CA ALA B 21 1.76 -22.55 18.56
C ALA B 21 0.54 -21.66 18.70
N THR B 22 -0.36 -22.09 19.57
CA THR B 22 -1.29 -21.22 20.24
C THR B 22 -0.92 -21.31 21.74
N PRO B 23 0.35 -20.94 22.06
CA PRO B 23 1.24 -21.27 23.18
C PRO B 23 0.88 -22.42 24.11
N THR B 24 -0.18 -23.14 23.79
CA THR B 24 -0.45 -24.43 24.40
C THR B 24 -0.27 -25.51 23.30
N SER B 25 -1.06 -25.34 22.22
CA SER B 25 -1.12 -26.24 21.07
C SER B 25 -0.33 -25.71 19.87
N LEU B 26 -0.20 -26.52 18.83
CA LEU B 26 0.67 -26.15 17.70
C LEU B 26 0.12 -26.45 16.31
N LEU B 27 0.56 -25.61 15.37
CA LEU B 27 0.35 -25.86 13.96
C LEU B 27 1.58 -26.50 13.40
N ILE B 28 1.33 -27.55 12.61
CA ILE B 28 2.33 -28.36 11.92
C ILE B 28 1.97 -28.39 10.46
N SER B 29 2.72 -27.68 9.65
CA SER B 29 2.35 -27.52 8.27
C SER B 29 3.50 -27.95 7.39
N TRP B 30 3.42 -29.16 6.84
CA TRP B 30 4.56 -29.70 6.12
C TRP B 30 4.24 -30.14 4.73
N ASP B 31 5.26 -30.61 4.04
CA ASP B 31 5.15 -31.08 2.68
C ASP B 31 4.21 -32.27 2.61
N ALA B 32 3.48 -32.33 1.48
CA ALA B 32 2.63 -33.46 1.04
C ALA B 32 2.17 -33.20 -0.41
N ARG B 33 2.99 -33.59 -1.40
CA ARG B 33 2.68 -33.30 -2.82
C ARG B 33 1.79 -34.39 -3.49
N GLY B 34 0.48 -34.34 -3.18
CA GLY B 34 -0.41 -35.50 -3.27
C GLY B 34 -0.48 -36.10 -1.87
N GLU B 35 -0.34 -37.42 -1.75
CA GLU B 35 -0.19 -38.15 -0.44
C GLU B 35 0.82 -39.23 -0.79
N TYR B 36 0.70 -40.44 -0.26
CA TYR B 36 0.89 -41.42 -1.31
C TYR B 36 -0.23 -42.34 -1.74
N VAL B 37 -0.16 -43.64 -1.52
CA VAL B 37 -1.41 -44.36 -1.71
C VAL B 37 -2.37 -43.70 -0.69
N VAL B 38 -1.79 -43.20 0.45
CA VAL B 38 -2.17 -41.94 1.20
C VAL B 38 -2.29 -42.04 2.67
N TYR B 39 -1.60 -41.19 3.39
CA TYR B 39 -1.77 -41.37 4.81
C TYR B 39 -0.64 -40.81 5.61
N TYR B 40 -0.98 -40.37 6.81
CA TYR B 40 -0.02 -39.74 7.68
C TYR B 40 -0.38 -40.22 9.05
N ARG B 41 0.65 -40.67 9.74
CA ARG B 41 0.57 -40.95 11.15
C ARG B 41 1.54 -39.93 11.56
N ILE B 42 1.25 -39.23 12.67
CA ILE B 42 2.21 -38.31 13.24
C ILE B 42 2.53 -38.66 14.71
N THR B 43 3.82 -38.85 15.01
CA THR B 43 4.27 -39.19 16.39
C THR B 43 3.81 -38.11 17.39
N TYR B 44 3.95 -38.35 18.70
CA TYR B 44 3.44 -37.37 19.69
C TYR B 44 3.99 -37.44 21.11
N GLY B 45 5.02 -36.65 21.36
CA GLY B 45 5.53 -36.56 22.68
C GLY B 45 6.59 -35.50 22.65
N GLU B 46 7.11 -35.18 23.83
CA GLU B 46 8.26 -34.31 24.00
C GLU B 46 9.54 -34.89 23.38
N THR B 47 10.68 -34.49 23.92
CA THR B 47 11.93 -35.10 23.55
C THR B 47 12.48 -35.60 24.85
N GLY B 48 11.68 -35.43 25.90
CA GLY B 48 12.00 -35.90 27.25
C GLY B 48 12.31 -37.38 27.33
N GLY B 49 11.58 -38.21 26.57
CA GLY B 49 11.74 -39.68 26.61
C GLY B 49 10.77 -40.37 27.54
N ASN B 50 10.39 -39.68 28.61
CA ASN B 50 9.41 -40.14 29.60
C ASN B 50 7.96 -40.20 29.06
N SER B 51 7.22 -39.12 29.31
CA SER B 51 5.85 -38.85 28.85
C SER B 51 5.47 -39.56 27.53
N PRO B 52 4.95 -40.81 27.62
CA PRO B 52 4.68 -41.63 26.45
C PRO B 52 4.24 -40.91 25.16
N VAL B 53 4.33 -41.68 24.07
CA VAL B 53 4.01 -41.22 22.72
C VAL B 53 2.51 -41.30 22.44
N GLN B 54 2.02 -40.45 21.53
CA GLN B 54 0.62 -40.48 21.08
C GLN B 54 0.55 -40.30 19.55
N GLU B 55 -0.64 -40.36 18.98
CA GLU B 55 -0.72 -40.35 17.52
C GLU B 55 -1.92 -39.60 16.94
N PHE B 56 -1.66 -38.48 16.27
CA PHE B 56 -2.66 -37.93 15.36
C PHE B 56 -2.53 -38.76 14.09
N THR B 57 -3.62 -38.83 13.32
CA THR B 57 -3.53 -39.44 12.00
C THR B 57 -4.44 -38.84 10.87
N VAL B 58 -3.82 -38.55 9.72
CA VAL B 58 -4.49 -37.78 8.66
C VAL B 58 -4.33 -38.29 7.24
N PRO B 59 -5.06 -37.67 6.30
CA PRO B 59 -5.27 -38.12 4.93
C PRO B 59 -4.47 -37.46 3.79
N GLY B 60 -5.19 -36.91 2.80
CA GLY B 60 -4.70 -36.30 1.55
C GLY B 60 -3.29 -35.75 1.53
N SER B 61 -3.13 -34.49 1.10
CA SER B 61 -1.82 -33.79 1.05
C SER B 61 -1.61 -32.96 2.35
N SER B 62 -2.08 -33.58 3.43
CA SER B 62 -2.29 -32.95 4.71
C SER B 62 -1.42 -33.55 5.85
N SER B 63 -0.08 -33.44 5.72
CA SER B 63 0.79 -33.41 6.91
C SER B 63 0.69 -31.97 7.49
N THR B 64 0.06 -31.10 6.68
CA THR B 64 -0.43 -29.71 6.96
C THR B 64 -1.71 -29.62 7.88
N ALA B 65 -1.54 -30.01 9.15
CA ALA B 65 -2.59 -29.95 10.18
C ALA B 65 -2.06 -29.40 11.52
N THR B 66 -2.71 -29.78 12.63
CA THR B 66 -2.57 -29.10 13.93
C THR B 66 -2.86 -29.94 15.15
N ILE B 67 -1.95 -29.84 16.13
CA ILE B 67 -1.96 -30.72 17.30
C ILE B 67 -2.91 -30.23 18.42
N SER B 68 -3.13 -31.12 19.42
CA SER B 68 -3.93 -30.87 20.64
C SER B 68 -3.12 -30.20 21.79
N GLY B 69 -1.89 -29.77 21.47
CA GLY B 69 -0.82 -29.33 22.40
C GLY B 69 -1.17 -29.14 23.86
N LEU B 70 -1.24 -30.24 24.60
CA LEU B 70 -1.58 -30.22 26.01
C LEU B 70 -0.52 -29.44 26.81
N SER B 71 0.45 -30.14 27.42
CA SER B 71 1.48 -29.54 28.31
C SER B 71 2.09 -28.20 27.88
N PRO B 72 2.52 -27.36 28.88
CA PRO B 72 3.01 -25.98 28.71
C PRO B 72 4.13 -25.74 27.66
N GLY B 73 5.10 -24.89 28.02
CA GLY B 73 6.19 -24.52 27.13
C GLY B 73 7.19 -25.61 26.82
N VAL B 74 6.92 -26.81 27.36
CA VAL B 74 7.84 -27.96 27.40
C VAL B 74 8.29 -28.51 26.03
N ASP B 75 9.59 -28.81 25.90
CA ASP B 75 10.12 -29.30 24.62
C ASP B 75 9.35 -30.51 24.20
N TYR B 76 9.11 -30.54 22.90
CA TYR B 76 8.18 -31.42 22.28
C TYR B 76 8.79 -31.80 20.92
N THR B 77 8.97 -33.09 20.66
CA THR B 77 9.46 -33.54 19.36
C THR B 77 8.41 -34.37 18.66
N ILE B 78 8.11 -34.03 17.41
CA ILE B 78 7.10 -34.80 16.73
C ILE B 78 7.28 -34.95 15.22
N THR B 79 7.35 -36.22 14.84
CA THR B 79 7.57 -36.68 13.48
C THR B 79 6.24 -36.91 12.76
N VAL B 80 6.32 -36.79 11.44
CA VAL B 80 5.25 -37.24 10.56
C VAL B 80 5.66 -38.54 9.87
N TYR B 81 4.68 -39.24 9.33
CA TYR B 81 4.89 -40.50 8.65
C TYR B 81 4.17 -40.58 7.33
N ALA B 82 4.98 -40.85 6.29
CA ALA B 82 4.48 -41.26 4.97
C ALA B 82 3.83 -42.70 5.02
N ARG B 83 2.82 -42.99 4.17
CA ARG B 83 2.35 -44.39 3.89
C ARG B 83 1.83 -44.55 2.46
N SER B 84 2.21 -45.66 1.83
CA SER B 84 2.24 -45.67 0.37
C SER B 84 1.77 -46.95 -0.33
N TYR B 85 2.01 -46.98 -1.63
CA TYR B 85 2.12 -48.20 -2.46
C TYR B 85 2.01 -49.48 -1.65
N TYR B 86 3.11 -49.85 -1.00
CA TYR B 86 3.10 -50.87 0.01
C TYR B 86 2.53 -50.13 1.18
N TRP B 87 1.50 -50.75 1.74
CA TRP B 87 0.87 -50.33 2.97
C TRP B 87 1.89 -50.02 4.05
N GLY B 88 3.18 -50.02 3.66
CA GLY B 88 4.31 -49.66 4.54
C GLY B 88 4.64 -48.18 4.50
N TRP B 89 5.85 -47.84 4.96
CA TRP B 89 6.20 -46.44 5.37
C TRP B 89 7.31 -45.74 4.63
N TYR B 90 6.90 -44.70 3.88
CA TYR B 90 7.72 -44.04 2.82
C TYR B 90 8.80 -43.12 3.35
N SER B 91 8.85 -43.06 4.67
CA SER B 91 10.00 -42.60 5.44
C SER B 91 9.44 -41.58 6.42
N PRO B 92 10.17 -41.36 7.51
CA PRO B 92 9.64 -40.42 8.43
C PRO B 92 10.58 -39.26 8.64
N ILE B 93 9.99 -38.09 8.95
CA ILE B 93 10.77 -36.90 9.25
C ILE B 93 10.38 -36.10 10.51
N SER B 94 11.38 -35.79 11.34
CA SER B 94 11.09 -34.95 12.53
C SER B 94 11.88 -33.66 12.83
N ILE B 95 11.11 -32.73 13.39
CA ILE B 95 11.59 -31.59 14.16
C ILE B 95 11.05 -31.69 15.59
N ASN B 96 11.83 -31.12 16.52
CA ASN B 96 11.60 -31.07 17.96
C ASN B 96 11.12 -29.75 18.59
N TYR B 97 10.85 -28.73 17.76
CA TYR B 97 10.72 -27.37 18.28
C TYR B 97 9.40 -26.99 18.95
N ARG B 98 9.42 -27.23 20.27
CA ARG B 98 8.33 -27.11 21.25
C ARG B 98 7.32 -25.93 21.19
N THR B 99 7.13 -25.29 22.35
CA THR B 99 6.14 -24.23 22.57
C THR B 99 6.61 -22.85 22.08
#